data_8OLW
#
_entry.id   8OLW
#
_cell.length_a   88.147
_cell.length_b   94.133
_cell.length_c   222.878
_cell.angle_alpha   90.00
_cell.angle_beta   90.00
_cell.angle_gamma   90.00
#
_symmetry.space_group_name_H-M   'P 21 21 21'
#
loop_
_entity.id
_entity.type
_entity.pdbx_description
1 polymer 'Group IIC intron'
2 non-polymer 'CALCIUM ION'
3 non-polymer 'POTASSIUM ION'
4 water water
#
_entity_poly.entity_id   1
_entity_poly.type   'polyribonucleotide'
_entity_poly.pdbx_seq_one_letter_code
;GUUAUGUGUGCCCGGCAUGGGUGCAGUCUAUAGGGUGAGAGUCCCGAACUGUGAAGGCAGAAGUAACAGUUAGCCUAACG
CAAGGGUGUCCGUGGCGACAUGGAAUCUGAAGGAAGCGGACGGCAAACCUUCGGUCUGAGGAACACGAACUUCAUAUGAG
GCUAGGUAUCAAUGGAUGAGUUUGCAUAACAAAACAAAGUCCUUUCUGCCAAAGUUGGUACAGAGUAAAUGAAGCAGAUU
GAUGAAGGGAAAGACUGCAUUCUUACCCGGGGAGGUCUGGAAACAGAAGUCAGCAGAAGUCAUAGUACCCUGUUCGCAGG
GGAAGGACGGAACAAGUAUGGCGUUCGCGCCUAAGCUUGAACCGCCGUAUACCGAACGGUACGUACGGUGGUGUGG
;
_entity_poly.pdbx_strand_id   A
#
loop_
_chem_comp.id
_chem_comp.type
_chem_comp.name
_chem_comp.formula
A RNA linking ADENOSINE-5'-MONOPHOSPHATE 'C10 H14 N5 O7 P'
C RNA linking CYTIDINE-5'-MONOPHOSPHATE 'C9 H14 N3 O8 P'
CA non-polymer 'CALCIUM ION' 'Ca 2'
G RNA linking GUANOSINE-5'-MONOPHOSPHATE 'C10 H14 N5 O8 P'
K non-polymer 'POTASSIUM ION' 'K 1'
U RNA linking URIDINE-5'-MONOPHOSPHATE 'C9 H13 N2 O9 P'
#
# COMPACT_ATOMS: atom_id res chain seq x y z
CA CA B . -6.54 -6.11 -7.82
CA CA C . -6.51 -7.41 -9.29
CA CA D . -6.63 -6.02 2.05
CA CA E . -14.32 35.42 23.95
CA CA F . -7.73 14.34 21.12
CA CA G . -35.45 -6.42 4.27
CA CA H . -7.74 27.92 28.64
CA CA I . 23.42 -1.76 -24.47
CA CA J . -30.32 28.96 17.86
K K K . 20.41 7.78 14.63
K K L . 22.21 -11.45 -25.82
K K M . 21.21 -11.52 -38.15
K K N . 1.18 0.98 -8.71
K K O . 19.95 -11.27 -41.40
K K P . 3.96 29.32 34.34
K K Q . 0.09 -1.07 -10.22
K K R . 5.09 20.01 49.70
K K S . -4.31 -10.40 -7.51
K K T . -4.33 -38.18 -10.27
K K U . 21.73 -3.58 0.02
K K V . -15.38 -49.55 -12.92
#